data_4Y7T
#
_entry.id   4Y7T
#
_cell.length_a   72.610
_cell.length_b   72.610
_cell.length_c   158.470
_cell.angle_alpha   90.000
_cell.angle_beta   90.000
_cell.angle_gamma   120.000
#
_symmetry.space_group_name_H-M   'P 61 2 2'
#
loop_
_entity.id
_entity.type
_entity.pdbx_description
1 polymer 'Nucleotidyl transferase'
2 non-polymer GLYCEROL
3 non-polymer 'SULFATE ION'
4 water water
#
_entity_poly.entity_id   1
_entity_poly.type   'polypeptide(L)'
_entity_poly.pdbx_seq_one_letter_code
;MKAMILAAGKGERMRPLTLHTPKPLVPVAGQPLIEYHLRALAAAGVTEVVINHAWLGQQIEDHLGDGSRFGLSIRYSPEG
EPLETGGGIFKALPLLGDAPFLLVNGDVWTDYDFARLQAPLQGLAHLVLVDNPGHHGRGDFRLVGEQVVDGDDAPGTLTF
SGISVLHPALFEGCQAGAFKLAPLLRQAMAAGKVSGEHYRGHWVDVGTLERLAEAESLIGERALEHHHHHH
;
_entity_poly.pdbx_strand_id   A
#
# COMPACT_ATOMS: atom_id res chain seq x y z
N MET A 1 13.55 -1.43 -7.63
CA MET A 1 12.42 -2.34 -7.80
C MET A 1 11.16 -1.62 -8.24
N LYS A 2 10.16 -2.41 -8.60
CA LYS A 2 8.87 -1.90 -9.01
C LYS A 2 7.97 -1.72 -7.81
N ALA A 3 6.86 -1.02 -7.98
CA ALA A 3 5.91 -0.83 -6.89
C ALA A 3 4.52 -1.23 -7.38
N MET A 4 3.72 -1.80 -6.48
CA MET A 4 2.31 -1.98 -6.78
C MET A 4 1.49 -1.14 -5.84
N ILE A 5 0.51 -0.42 -6.37
CA ILE A 5 -0.35 0.35 -5.49
C ILE A 5 -1.72 -0.30 -5.53
N LEU A 6 -2.26 -0.65 -4.36
CA LEU A 6 -3.60 -1.22 -4.32
C LEU A 6 -4.63 -0.09 -4.42
N ALA A 7 -5.57 -0.18 -5.37
CA ALA A 7 -6.53 0.89 -5.57
C ALA A 7 -7.84 0.28 -6.08
N ALA A 8 -8.14 -0.94 -5.68
CA ALA A 8 -9.32 -1.64 -6.14
C ALA A 8 -10.59 -1.38 -5.31
N GLY A 9 -10.44 -1.06 -4.04
CA GLY A 9 -11.59 -1.03 -3.13
C GLY A 9 -12.75 -0.08 -3.44
N LYS A 10 -13.94 -0.42 -2.99
CA LYS A 10 -15.12 0.43 -3.23
C LYS A 10 -15.14 1.71 -2.40
N GLY A 11 -14.47 1.69 -1.25
CA GLY A 11 -14.53 2.80 -0.31
C GLY A 11 -15.96 3.12 0.19
N GLU A 12 -16.70 2.07 0.54
CA GLU A 12 -18.10 2.23 0.98
C GLU A 12 -18.26 3.22 2.14
N ARG A 13 -17.30 3.24 3.07
CA ARG A 13 -17.41 4.13 4.23
C ARG A 13 -17.04 5.59 3.91
N MET A 14 -16.53 5.84 2.71
CA MET A 14 -16.25 7.21 2.24
C MET A 14 -17.36 7.82 1.37
N ARG A 15 -18.47 7.09 1.22
CA ARG A 15 -19.62 7.63 0.52
C ARG A 15 -20.08 8.90 1.23
N PRO A 16 -20.61 9.88 0.51
CA PRO A 16 -20.95 9.84 -0.91
C PRO A 16 -19.76 10.14 -1.80
N LEU A 17 -18.59 10.41 -1.22
CA LEU A 17 -17.43 10.82 -1.99
C LEU A 17 -17.06 9.80 -3.05
N THR A 18 -17.27 8.53 -2.74
CA THR A 18 -16.83 7.44 -3.61
C THR A 18 -17.97 6.96 -4.53
N LEU A 19 -19.07 7.68 -4.57
CA LEU A 19 -20.14 7.28 -5.46
C LEU A 19 -19.75 7.46 -6.94
N HIS A 20 -19.13 8.59 -7.29
CA HIS A 20 -18.67 8.86 -8.64
C HIS A 20 -17.17 9.01 -8.80
N THR A 21 -16.42 8.78 -7.72
CA THR A 21 -14.97 8.95 -7.68
C THR A 21 -14.35 7.79 -6.94
N PRO A 22 -13.41 7.05 -7.57
CA PRO A 22 -12.86 5.96 -6.78
C PRO A 22 -11.96 6.56 -5.69
N LYS A 23 -11.85 5.89 -4.55
CA LYS A 23 -11.14 6.47 -3.41
C LYS A 23 -9.75 7.00 -3.70
N PRO A 24 -8.98 6.32 -4.56
CA PRO A 24 -7.64 6.87 -4.77
C PRO A 24 -7.63 8.20 -5.54
N LEU A 25 -8.73 8.61 -6.22
CA LEU A 25 -8.77 9.93 -6.83
C LEU A 25 -9.42 11.02 -5.92
N VAL A 26 -9.79 10.64 -4.72
CA VAL A 26 -10.35 11.65 -3.80
C VAL A 26 -9.29 12.64 -3.41
N PRO A 27 -9.60 13.94 -3.55
CA PRO A 27 -8.69 15.04 -3.22
C PRO A 27 -8.40 15.08 -1.75
N VAL A 28 -7.15 15.09 -1.41
CA VAL A 28 -6.73 15.30 -0.04
C VAL A 28 -5.80 16.49 -0.07
N ALA A 29 -6.23 17.58 0.56
CA ALA A 29 -5.45 18.82 0.56
C ALA A 29 -4.98 19.26 -0.83
N GLY A 30 -5.87 19.24 -1.81
CA GLY A 30 -5.57 19.79 -3.11
C GLY A 30 -5.08 18.78 -4.13
N GLN A 31 -4.92 17.54 -3.70
CA GLN A 31 -4.25 16.55 -4.52
C GLN A 31 -4.84 15.17 -4.35
N PRO A 32 -5.09 14.46 -5.48
CA PRO A 32 -5.61 13.10 -5.34
C PRO A 32 -4.74 12.23 -4.43
N LEU A 33 -5.43 11.43 -3.64
CA LEU A 33 -4.81 10.67 -2.62
C LEU A 33 -3.68 9.76 -3.19
N ILE A 34 -3.93 9.11 -4.31
CA ILE A 34 -2.90 8.26 -4.91
C ILE A 34 -1.70 9.04 -5.45
N GLU A 35 -1.87 10.31 -5.78
CA GLU A 35 -0.77 11.10 -6.34
C GLU A 35 0.29 11.38 -5.29
N TYR A 36 -0.09 11.33 -4.03
CA TYR A 36 0.96 11.40 -2.99
C TYR A 36 1.93 10.21 -3.15
N HIS A 37 1.36 9.02 -3.32
CA HIS A 37 2.16 7.84 -3.50
C HIS A 37 3.02 7.92 -4.76
N LEU A 38 2.42 8.38 -5.86
CA LEU A 38 3.14 8.43 -7.13
C LEU A 38 4.33 9.38 -7.08
N ARG A 39 4.14 10.56 -6.50
CA ARG A 39 5.22 11.53 -6.37
CA ARG A 39 5.22 11.52 -6.37
C ARG A 39 6.28 10.99 -5.42
N ALA A 40 5.84 10.32 -4.35
CA ALA A 40 6.80 9.78 -3.36
C ALA A 40 7.61 8.62 -3.96
N LEU A 41 6.95 7.72 -4.68
CA LEU A 41 7.58 6.62 -5.36
C LEU A 41 8.64 7.07 -6.33
N ALA A 42 8.31 8.09 -7.12
CA ALA A 42 9.17 8.58 -8.17
C ALA A 42 10.36 9.27 -7.52
N ALA A 43 10.12 9.98 -6.42
CA ALA A 43 11.25 10.54 -5.65
C ALA A 43 12.20 9.48 -5.04
N ALA A 44 11.68 8.28 -4.77
CA ALA A 44 12.47 7.23 -4.14
C ALA A 44 13.25 6.45 -5.20
N GLY A 45 13.09 6.89 -6.44
CA GLY A 45 13.78 6.24 -7.56
C GLY A 45 12.99 5.14 -8.27
N VAL A 46 11.76 4.87 -7.82
CA VAL A 46 10.91 3.91 -8.52
C VAL A 46 10.53 4.48 -9.89
N THR A 47 10.60 3.67 -10.94
CA THR A 47 10.20 4.17 -12.24
C THR A 47 9.06 3.33 -12.84
N GLU A 48 8.77 2.18 -12.25
CA GLU A 48 7.71 1.30 -12.77
C GLU A 48 6.70 0.91 -11.71
N VAL A 49 5.43 1.12 -12.03
CA VAL A 49 4.35 1.02 -11.10
C VAL A 49 3.19 0.24 -11.70
N VAL A 50 2.65 -0.72 -10.94
CA VAL A 50 1.42 -1.43 -11.32
C VAL A 50 0.30 -1.00 -10.38
N ILE A 51 -0.85 -0.70 -10.94
CA ILE A 51 -1.99 -0.31 -10.12
C ILE A 51 -3.17 -1.24 -10.39
N ASN A 52 -3.65 -1.92 -9.34
CA ASN A 52 -4.84 -2.69 -9.61
C ASN A 52 -6.08 -1.88 -9.35
N HIS A 53 -7.14 -2.21 -10.05
CA HIS A 53 -8.34 -1.42 -9.85
C HIS A 53 -9.58 -2.25 -10.13
N ALA A 54 -10.73 -1.76 -9.68
CA ALA A 54 -11.97 -2.47 -9.82
C ALA A 54 -13.10 -1.47 -9.78
N TRP A 55 -13.47 -1.02 -8.59
CA TRP A 55 -14.52 0.01 -8.45
C TRP A 55 -14.17 1.27 -9.20
N LEU A 56 -15.00 1.63 -10.17
CA LEU A 56 -14.73 2.77 -11.03
C LEU A 56 -13.30 2.77 -11.61
N GLY A 57 -12.76 1.60 -11.95
CA GLY A 57 -11.35 1.52 -12.30
C GLY A 57 -10.95 2.27 -13.57
N GLN A 58 -11.83 2.30 -14.57
CA GLN A 58 -11.46 2.99 -15.80
C GLN A 58 -11.25 4.50 -15.53
N GLN A 59 -11.81 5.06 -14.46
CA GLN A 59 -11.54 6.48 -14.18
C GLN A 59 -10.12 6.71 -13.66
N ILE A 60 -9.57 5.71 -12.96
CA ILE A 60 -8.18 5.77 -12.51
C ILE A 60 -7.24 5.82 -13.72
N GLU A 61 -7.42 4.92 -14.67
CA GLU A 61 -6.62 4.93 -15.90
C GLU A 61 -6.71 6.25 -16.64
N ASP A 62 -7.92 6.81 -16.78
CA ASP A 62 -8.07 8.07 -17.52
C ASP A 62 -7.29 9.21 -16.85
N HIS A 63 -7.33 9.23 -15.55
CA HIS A 63 -6.70 10.30 -14.83
C HIS A 63 -5.14 10.24 -14.87
N LEU A 64 -4.62 9.06 -14.63
CA LEU A 64 -3.16 8.83 -14.46
C LEU A 64 -2.46 8.55 -15.78
N GLY A 65 -3.20 8.01 -16.74
CA GLY A 65 -2.61 7.60 -18.01
C GLY A 65 -1.41 6.67 -17.85
N ASP A 66 -0.35 6.89 -18.64
CA ASP A 66 0.80 5.97 -18.57
C ASP A 66 1.77 6.38 -17.45
N GLY A 67 1.51 7.51 -16.82
CA GLY A 67 2.28 7.92 -15.66
C GLY A 67 3.44 8.84 -15.98
N SER A 68 3.58 9.16 -17.27
CA SER A 68 4.73 9.92 -17.72
C SER A 68 4.80 11.29 -17.07
N ARG A 69 3.66 11.89 -16.69
CA ARG A 69 3.71 13.19 -16.03
CA ARG A 69 3.79 13.20 -16.07
C ARG A 69 4.42 13.10 -14.69
N PHE A 70 4.40 11.89 -14.09
CA PHE A 70 5.08 11.68 -12.77
C PHE A 70 6.48 11.14 -12.89
N GLY A 71 6.96 11.01 -14.11
CA GLY A 71 8.25 10.39 -14.32
C GLY A 71 8.19 8.89 -14.14
N LEU A 72 6.99 8.34 -14.30
CA LEU A 72 6.76 6.92 -14.08
C LEU A 72 6.27 6.24 -15.37
N SER A 73 6.44 4.93 -15.40
CA SER A 73 5.71 4.08 -16.32
C SER A 73 4.69 3.28 -15.50
N ILE A 74 3.42 3.55 -15.72
CA ILE A 74 2.38 2.83 -15.06
C ILE A 74 1.66 1.78 -15.93
N ARG A 75 1.52 0.57 -15.39
CA ARG A 75 0.73 -0.49 -16.02
CA ARG A 75 0.71 -0.48 -16.03
C ARG A 75 -0.44 -0.84 -15.11
N TYR A 76 -1.57 -1.21 -15.69
CA TYR A 76 -2.77 -1.44 -14.86
C TYR A 76 -3.19 -2.89 -14.77
N SER A 77 -3.81 -3.27 -13.65
CA SER A 77 -4.31 -4.63 -13.52
C SER A 77 -5.79 -4.66 -13.22
N PRO A 78 -6.64 -4.64 -14.26
CA PRO A 78 -8.09 -4.61 -14.00
C PRO A 78 -8.56 -5.85 -13.24
N GLU A 79 -9.53 -5.69 -12.35
CA GLU A 79 -10.20 -6.84 -11.75
C GLU A 79 -11.71 -6.83 -11.96
N GLY A 80 -12.28 -7.95 -12.37
CA GLY A 80 -13.73 -8.06 -12.47
C GLY A 80 -14.26 -8.45 -11.10
N GLU A 81 -13.94 -9.69 -10.73
CA GLU A 81 -14.24 -10.22 -9.40
C GLU A 81 -13.58 -9.37 -8.35
N PRO A 82 -14.19 -9.30 -7.16
CA PRO A 82 -13.47 -8.78 -5.99
C PRO A 82 -12.37 -9.76 -5.66
N LEU A 83 -11.11 -9.36 -5.77
CA LEU A 83 -10.06 -10.37 -5.64
C LEU A 83 -9.42 -10.44 -4.24
N GLU A 84 -9.69 -9.47 -3.38
CA GLU A 84 -8.95 -9.38 -2.10
C GLU A 84 -7.47 -9.13 -2.40
N THR A 85 -6.70 -8.79 -1.38
CA THR A 85 -5.37 -8.30 -1.64
C THR A 85 -4.45 -9.37 -2.23
N GLY A 86 -4.49 -10.57 -1.67
CA GLY A 86 -3.67 -11.65 -2.19
C GLY A 86 -4.00 -12.01 -3.63
N GLY A 87 -5.27 -12.27 -3.92
CA GLY A 87 -5.67 -12.58 -5.29
C GLY A 87 -5.28 -11.48 -6.28
N GLY A 88 -5.46 -10.25 -5.82
CA GLY A 88 -5.19 -9.08 -6.63
C GLY A 88 -3.72 -8.96 -6.91
N ILE A 89 -2.89 -9.05 -5.88
CA ILE A 89 -1.45 -9.07 -6.13
C ILE A 89 -1.12 -10.24 -7.06
N PHE A 90 -1.62 -11.44 -6.75
CA PHE A 90 -1.32 -12.62 -7.59
C PHE A 90 -1.60 -12.37 -9.03
N LYS A 91 -2.71 -11.72 -9.28
CA LYS A 91 -3.18 -11.52 -10.62
C LYS A 91 -2.20 -10.64 -11.37
N ALA A 92 -1.58 -9.72 -10.62
CA ALA A 92 -0.67 -8.71 -11.14
C ALA A 92 0.79 -9.20 -11.28
N LEU A 93 1.09 -10.37 -10.75
CA LEU A 93 2.47 -10.85 -10.72
C LEU A 93 3.14 -10.81 -12.10
N PRO A 94 2.41 -11.18 -13.17
CA PRO A 94 3.04 -11.14 -14.51
C PRO A 94 3.52 -9.73 -14.82
N LEU A 95 2.89 -8.70 -14.30
CA LEU A 95 3.31 -7.33 -14.60
C LEU A 95 4.50 -6.95 -13.71
N LEU A 96 4.62 -7.62 -12.58
CA LEU A 96 5.67 -7.28 -11.64
C LEU A 96 6.96 -8.05 -11.87
N GLY A 97 6.85 -9.27 -12.37
CA GLY A 97 8.02 -10.11 -12.60
C GLY A 97 8.39 -10.92 -11.37
N ASP A 98 9.61 -11.48 -11.38
CA ASP A 98 10.10 -12.36 -10.32
C ASP A 98 10.69 -11.65 -9.11
N ALA A 99 10.96 -10.35 -9.23
CA ALA A 99 11.69 -9.65 -8.17
C ALA A 99 10.79 -9.16 -7.04
N PRO A 100 11.37 -8.97 -5.86
CA PRO A 100 10.61 -8.32 -4.79
C PRO A 100 10.17 -6.95 -5.25
N PHE A 101 8.96 -6.59 -4.82
CA PHE A 101 8.42 -5.31 -5.15
C PHE A 101 7.90 -4.58 -3.91
N LEU A 102 7.70 -3.29 -4.08
CA LEU A 102 7.19 -2.42 -3.03
C LEU A 102 5.69 -2.43 -3.13
N LEU A 103 4.98 -2.68 -2.03
CA LEU A 103 3.52 -2.80 -2.05
C LEU A 103 2.98 -1.67 -1.21
N VAL A 104 2.07 -0.86 -1.78
CA VAL A 104 1.54 0.31 -1.05
C VAL A 104 0.03 0.24 -1.11
N ASN A 105 -0.60 0.25 0.06
CA ASN A 105 -2.06 0.35 0.07
C ASN A 105 -2.43 1.83 -0.27
N GLY A 106 -3.07 2.04 -1.43
CA GLY A 106 -3.42 3.35 -1.92
C GLY A 106 -4.23 4.20 -0.92
N ASP A 107 -5.02 3.57 -0.05
CA ASP A 107 -5.91 4.23 0.95
C ASP A 107 -5.13 4.99 2.01
N VAL A 108 -3.85 4.73 2.07
CA VAL A 108 -3.02 5.34 3.12
C VAL A 108 -2.47 6.73 2.75
N TRP A 109 -2.35 7.59 3.74
CA TRP A 109 -1.58 8.80 3.54
C TRP A 109 -0.43 8.67 4.57
N THR A 110 0.79 9.01 4.15
CA THR A 110 1.95 8.84 5.06
C THR A 110 3.15 9.66 4.62
N ASP A 111 3.99 10.05 5.59
CA ASP A 111 5.21 10.73 5.20
C ASP A 111 6.36 9.72 5.28
N TYR A 112 6.05 8.44 5.44
CA TYR A 112 7.12 7.42 5.34
C TYR A 112 7.97 7.66 4.09
N ASP A 113 9.29 7.58 4.22
CA ASP A 113 10.17 7.78 3.09
C ASP A 113 10.41 6.42 2.41
N PHE A 114 9.83 6.24 1.23
CA PHE A 114 9.89 4.95 0.52
C PHE A 114 11.28 4.55 0.12
N ALA A 115 12.16 5.52 -0.08
CA ALA A 115 13.56 5.22 -0.40
C ALA A 115 14.27 4.38 0.71
N ARG A 116 13.64 4.25 1.89
CA ARG A 116 14.20 3.46 2.99
CA ARG A 116 14.20 3.46 2.99
C ARG A 116 14.16 1.95 2.71
N LEU A 117 13.23 1.55 1.85
CA LEU A 117 12.98 0.15 1.56
C LEU A 117 13.96 -0.43 0.51
N GLN A 118 14.73 0.46 -0.11
CA GLN A 118 15.81 0.07 -1.04
C GLN A 118 17.10 -0.35 -0.33
N ALA A 119 17.21 -0.06 0.96
CA ALA A 119 18.30 -0.61 1.76
C ALA A 119 18.11 -2.10 1.88
N PRO A 120 19.19 -2.83 2.22
CA PRO A 120 19.24 -4.26 2.46
C PRO A 120 18.15 -4.80 3.44
N LEU A 121 17.14 -5.47 2.90
CA LEU A 121 16.02 -5.96 3.71
C LEU A 121 16.09 -7.47 3.72
N GLN A 122 15.27 -8.09 4.56
CA GLN A 122 15.36 -9.51 4.81
C GLN A 122 13.99 -10.27 4.79
N GLY A 123 13.98 -11.54 4.34
CA GLY A 123 12.81 -12.42 4.35
C GLY A 123 12.00 -12.64 3.07
N LEU A 124 10.78 -13.16 3.22
CA LEU A 124 9.80 -13.16 2.13
C LEU A 124 9.01 -11.84 2.13
N ALA A 125 9.09 -11.12 3.23
CA ALA A 125 8.38 -9.88 3.31
C ALA A 125 9.10 -9.00 4.35
N HIS A 126 8.99 -7.71 4.13
CA HIS A 126 9.43 -6.67 5.14
C HIS A 126 8.29 -5.70 5.36
N LEU A 127 7.82 -5.61 6.59
CA LEU A 127 6.59 -4.88 6.85
C LEU A 127 6.85 -3.57 7.62
N VAL A 128 6.27 -2.47 7.16
CA VAL A 128 6.34 -1.24 7.92
C VAL A 128 5.16 -1.26 8.92
N LEU A 129 5.45 -1.21 10.22
CA LEU A 129 4.41 -1.21 11.24
C LEU A 129 4.26 0.15 11.92
N VAL A 130 3.04 0.47 12.35
CA VAL A 130 2.78 1.78 12.93
C VAL A 130 1.97 1.62 14.23
N ASP A 131 1.86 2.68 15.01
CA ASP A 131 1.09 2.63 16.24
C ASP A 131 -0.36 2.27 15.95
N ASN A 132 -0.98 1.54 16.87
CA ASN A 132 -2.38 1.20 16.73
C ASN A 132 -3.24 2.48 16.65
N PRO A 133 -4.14 2.56 15.67
CA PRO A 133 -5.13 3.65 15.63
C PRO A 133 -6.33 3.37 16.51
N GLY A 139 -4.01 -4.54 18.32
CA GLY A 139 -2.94 -4.49 17.35
C GLY A 139 -2.40 -5.87 16.96
N ASP A 140 -2.08 -6.04 15.68
CA ASP A 140 -1.98 -7.37 15.06
C ASP A 140 -0.61 -8.00 14.91
N PHE A 141 0.43 -7.22 15.07
CA PHE A 141 1.74 -7.76 14.91
C PHE A 141 2.53 -7.33 16.10
N ARG A 142 3.59 -8.07 16.36
CA ARG A 142 4.55 -7.69 17.38
CA ARG A 142 4.56 -7.68 17.37
C ARG A 142 5.91 -7.63 16.70
N LEU A 143 6.70 -6.63 17.04
CA LEU A 143 8.04 -6.54 16.51
C LEU A 143 9.05 -6.91 17.58
N VAL A 144 9.91 -7.88 17.29
CA VAL A 144 10.96 -8.28 18.25
C VAL A 144 12.29 -8.08 17.56
N GLY A 145 12.98 -6.98 17.86
CA GLY A 145 14.12 -6.58 17.07
C GLY A 145 13.68 -6.22 15.64
N GLU A 146 14.14 -7.00 14.67
CA GLU A 146 13.72 -6.74 13.25
C GLU A 146 12.73 -7.79 12.81
N GLN A 147 12.36 -8.65 13.74
CA GLN A 147 11.58 -9.80 13.35
C GLN A 147 10.11 -9.55 13.67
N VAL A 148 9.27 -9.79 12.67
CA VAL A 148 7.84 -9.68 12.91
C VAL A 148 7.19 -11.03 13.22
N VAL A 149 6.39 -11.03 14.27
CA VAL A 149 5.63 -12.19 14.72
C VAL A 149 4.19 -11.79 14.90
N ASP A 150 3.30 -12.78 14.94
CA ASP A 150 1.87 -12.53 15.12
C ASP A 150 1.62 -11.91 16.49
N GLY A 151 0.80 -10.88 16.55
CA GLY A 151 0.59 -10.17 17.79
C GLY A 151 -0.38 -10.83 18.77
N ASP A 152 -0.24 -10.46 20.04
CA ASP A 152 -1.18 -10.86 21.08
C ASP A 152 -1.43 -9.68 21.98
N ASP A 153 -2.70 -9.29 22.10
CA ASP A 153 -3.08 -8.14 22.92
C ASP A 153 -3.12 -8.51 24.41
N PRO A 155 0.14 -6.64 23.94
CA PRO A 155 0.66 -5.30 24.16
C PRO A 155 2.15 -5.33 24.52
N GLY A 156 2.97 -4.52 23.84
CA GLY A 156 2.52 -3.60 22.83
C GLY A 156 2.57 -4.15 21.40
N THR A 157 1.41 -4.52 20.93
CA THR A 157 1.29 -4.94 19.55
C THR A 157 1.23 -3.70 18.66
N LEU A 158 1.35 -3.90 17.35
CA LEU A 158 1.39 -2.81 16.40
C LEU A 158 0.53 -3.15 15.17
N THR A 159 0.32 -2.14 14.34
CA THR A 159 -0.61 -2.22 13.20
C THR A 159 0.17 -2.25 11.89
N PHE A 160 -0.29 -3.08 10.95
CA PHE A 160 0.33 -3.10 9.63
C PHE A 160 -0.02 -1.79 8.87
N SER A 161 1.00 -1.05 8.44
CA SER A 161 0.77 0.20 7.74
C SER A 161 0.21 0.07 6.30
N GLY A 162 0.28 -1.11 5.73
CA GLY A 162 -0.08 -1.26 4.32
C GLY A 162 1.11 -0.84 3.42
N ILE A 163 2.31 -0.70 4.02
CA ILE A 163 3.54 -0.39 3.26
CA ILE A 163 3.54 -0.39 3.26
C ILE A 163 4.51 -1.55 3.51
N SER A 164 5.01 -2.19 2.43
CA SER A 164 5.85 -3.35 2.61
C SER A 164 6.70 -3.54 1.36
N VAL A 165 7.69 -4.42 1.50
CA VAL A 165 8.34 -5.06 0.33
C VAL A 165 7.99 -6.53 0.40
N LEU A 166 7.45 -7.08 -0.70
CA LEU A 166 7.10 -8.48 -0.74
C LEU A 166 7.81 -9.23 -1.87
N HIS A 167 8.14 -10.46 -1.60
CA HIS A 167 8.72 -11.32 -2.63
C HIS A 167 7.61 -12.09 -3.32
N PRO A 168 7.63 -12.16 -4.66
CA PRO A 168 6.58 -12.88 -5.42
C PRO A 168 6.32 -14.31 -4.94
N ALA A 169 7.37 -14.96 -4.46
CA ALA A 169 7.33 -16.34 -3.96
C ALA A 169 6.32 -16.54 -2.82
N LEU A 170 6.12 -15.50 -2.03
CA LEU A 170 5.02 -15.43 -1.09
C LEU A 170 3.73 -15.95 -1.70
N PHE A 171 3.63 -15.77 -3.00
CA PHE A 171 2.52 -16.32 -3.77
C PHE A 171 2.97 -17.56 -4.57
N GLU A 172 3.51 -18.56 -3.88
CA GLU A 172 3.84 -19.83 -4.52
C GLU A 172 2.77 -20.87 -4.16
N GLY A 173 2.07 -21.36 -5.18
CA GLY A 173 2.28 -20.85 -6.52
C GLY A 173 1.11 -20.70 -7.49
N CYS A 174 -0.06 -20.23 -7.04
CA CYS A 174 -0.32 -19.88 -5.63
C CYS A 174 -1.82 -19.97 -5.29
N GLN A 175 -2.66 -20.21 -6.30
CA GLN A 175 -4.14 -20.31 -6.14
C GLN A 175 -4.88 -19.15 -6.84
N ALA A 176 -5.01 -19.22 -8.17
CA ALA A 176 -5.63 -18.13 -8.96
C ALA A 176 -7.02 -17.66 -8.49
N GLY A 177 -7.07 -16.43 -7.96
CA GLY A 177 -8.33 -15.73 -7.75
C GLY A 177 -8.88 -15.59 -6.34
N ALA A 178 -8.68 -14.43 -5.73
CA ALA A 178 -9.35 -14.06 -4.47
C ALA A 178 -8.92 -14.83 -3.21
N PHE A 179 -7.99 -14.26 -2.47
CA PHE A 179 -7.53 -14.81 -1.21
C PHE A 179 -6.79 -13.70 -0.50
N LYS A 180 -6.81 -13.70 0.83
CA LYS A 180 -6.32 -12.53 1.55
C LYS A 180 -4.80 -12.56 1.67
N LEU A 181 -4.23 -11.42 1.98
CA LEU A 181 -2.76 -11.28 2.13
C LEU A 181 -2.30 -11.70 3.53
N ALA A 182 -3.12 -11.46 4.55
CA ALA A 182 -2.66 -11.65 5.94
C ALA A 182 -2.21 -13.08 6.24
N PRO A 183 -2.99 -14.08 5.80
CA PRO A 183 -2.64 -15.47 6.08
C PRO A 183 -1.31 -15.86 5.41
N LEU A 184 -1.01 -15.31 4.25
CA LEU A 184 0.30 -15.52 3.62
CA LEU A 184 0.30 -15.57 3.64
C LEU A 184 1.39 -14.98 4.53
N LEU A 185 1.18 -13.76 5.01
CA LEU A 185 2.14 -13.12 5.92
C LEU A 185 2.33 -13.89 7.22
N ARG A 186 1.28 -14.48 7.77
CA ARG A 186 1.41 -15.27 8.99
C ARG A 186 2.16 -16.57 8.72
N GLN A 187 1.95 -17.15 7.54
CA GLN A 187 2.60 -18.37 7.17
C GLN A 187 4.11 -18.08 7.14
N ALA A 188 4.46 -16.98 6.48
CA ALA A 188 5.86 -16.54 6.32
C ALA A 188 6.49 -16.26 7.71
N MET A 189 5.70 -15.62 8.56
CA MET A 189 6.17 -15.27 9.91
C MET A 189 6.44 -16.53 10.69
N ALA A 190 5.55 -17.52 10.53
CA ALA A 190 5.68 -18.76 11.23
C ALA A 190 6.98 -19.43 10.87
N ALA A 191 7.59 -19.01 9.75
CA ALA A 191 8.83 -19.61 9.27
C ALA A 191 10.03 -18.72 9.55
N GLY A 192 9.78 -17.56 10.14
CA GLY A 192 10.82 -16.62 10.50
C GLY A 192 11.30 -15.86 9.30
N LYS A 193 10.42 -15.74 8.31
CA LYS A 193 10.80 -15.15 7.05
C LYS A 193 10.25 -13.74 6.83
N VAL A 194 9.80 -13.09 7.90
CA VAL A 194 9.28 -11.73 7.79
C VAL A 194 10.02 -10.73 8.70
N SER A 195 10.67 -9.75 8.12
CA SER A 195 11.30 -8.69 8.91
C SER A 195 10.39 -7.47 8.91
N GLY A 196 10.66 -6.51 9.78
CA GLY A 196 9.81 -5.36 9.90
C GLY A 196 10.49 -4.22 10.62
N GLU A 197 9.81 -3.08 10.66
CA GLU A 197 10.26 -1.88 11.37
C GLU A 197 9.06 -1.13 11.93
N HIS A 198 9.30 -0.36 12.99
CA HIS A 198 8.25 0.45 13.58
C HIS A 198 8.46 1.88 13.18
N TYR A 199 7.60 2.36 12.30
CA TYR A 199 7.61 3.76 11.86
C TYR A 199 6.87 4.60 12.89
N ARG A 200 7.49 5.69 13.33
CA ARG A 200 6.90 6.56 14.35
CA ARG A 200 6.91 6.56 14.35
C ARG A 200 6.42 7.90 13.80
N GLY A 201 6.41 8.08 12.48
CA GLY A 201 5.99 9.35 11.93
C GLY A 201 4.49 9.34 11.61
N HIS A 202 4.06 10.17 10.66
CA HIS A 202 2.64 10.25 10.34
C HIS A 202 2.12 9.18 9.39
N TRP A 203 0.99 8.61 9.79
CA TRP A 203 0.31 7.58 9.01
C TRP A 203 -1.20 7.69 9.26
N VAL A 204 -2.01 7.67 8.22
CA VAL A 204 -3.46 7.66 8.38
C VAL A 204 -4.06 6.71 7.32
N ASP A 205 -4.97 5.84 7.75
CA ASP A 205 -5.70 4.99 6.80
C ASP A 205 -6.95 5.77 6.41
N VAL A 206 -6.99 6.30 5.20
CA VAL A 206 -8.03 7.24 4.84
C VAL A 206 -9.26 6.44 4.43
N GLY A 207 -10.05 6.03 5.44
CA GLY A 207 -11.21 5.18 5.17
C GLY A 207 -12.55 5.84 5.47
N THR A 208 -12.49 7.03 6.07
CA THR A 208 -13.66 7.77 6.49
C THR A 208 -13.46 9.24 6.25
N LEU A 209 -14.54 10.01 6.23
CA LEU A 209 -14.41 11.45 6.10
C LEU A 209 -13.53 12.00 7.21
N GLU A 210 -13.73 11.48 8.42
CA GLU A 210 -12.94 11.86 9.59
C GLU A 210 -11.44 11.57 9.41
N ARG A 211 -11.12 10.40 8.88
CA ARG A 211 -9.72 10.06 8.60
C ARG A 211 -9.13 11.00 7.53
N LEU A 212 -9.95 11.36 6.56
CA LEU A 212 -9.58 12.31 5.52
CA LEU A 212 -9.54 12.29 5.52
C LEU A 212 -9.23 13.66 6.14
N ALA A 213 -10.06 14.11 7.06
CA ALA A 213 -9.79 15.37 7.71
C ALA A 213 -8.47 15.30 8.50
N GLU A 214 -8.25 14.17 9.18
CA GLU A 214 -7.04 13.97 9.98
CA GLU A 214 -7.05 13.99 9.98
C GLU A 214 -5.82 14.14 9.11
N ALA A 215 -5.87 13.56 7.92
CA ALA A 215 -4.72 13.60 7.04
C ALA A 215 -4.56 15.02 6.50
N GLU A 216 -5.67 15.68 6.11
CA GLU A 216 -5.58 17.08 5.65
C GLU A 216 -4.88 17.91 6.70
N SER A 217 -5.23 17.69 7.95
CA SER A 217 -4.68 18.47 9.05
CA SER A 217 -4.67 18.44 9.06
C SER A 217 -3.17 18.23 9.20
N LEU A 218 -2.74 16.97 9.09
CA LEU A 218 -1.33 16.65 9.24
C LEU A 218 -0.54 17.17 8.05
N ILE A 219 -1.11 17.08 6.86
CA ILE A 219 -0.49 17.61 5.65
C ILE A 219 -0.27 19.12 5.75
N GLY A 220 -1.18 19.82 6.40
CA GLY A 220 -1.09 21.26 6.53
C GLY A 220 0.09 21.67 7.39
N GLU A 221 0.35 20.87 8.42
CA GLU A 221 1.50 21.03 9.31
C GLU A 221 2.85 20.86 8.59
N ARG A 222 2.99 19.78 7.81
CA ARG A 222 4.19 19.49 7.03
C ARG A 222 4.46 20.59 6.00
N ALA A 223 3.39 21.19 5.48
CA ALA A 223 3.48 22.29 4.51
C ALA A 223 4.26 23.48 5.05
N LEU A 224 4.30 23.61 6.37
CA LEU A 224 4.96 24.76 7.02
C LEU A 224 6.22 24.36 7.81
#